data_8TA7
#
_entry.id   8TA7
#
_cell.length_a   1.00
_cell.length_b   1.00
_cell.length_c   1.00
_cell.angle_alpha   90.00
_cell.angle_beta   90.00
_cell.angle_gamma   90.00
#
_symmetry.space_group_name_H-M   'P 1'
#
_entity_poly.entity_id   1
_entity_poly.type   'polypeptide(L)'
_entity_poly.pdbx_seq_one_letter_code
;MPRVRPLGPNPQDRPNWDSMNEGQRRYAMEQWNLARVRRGEYFDPPGDDDLPLTQADAIDNFDLDLLGSPQEAEQPSQQS
EDGVDDFLQQVRDRQDLRDAGPSNAPQPNMADIEMSQVSSSSGGSKRGSGGGGPPSKVSKSGTSLPGTGGNLDGMVRGGS
GEGGATAILRPIGLHVEKFQQTYRKKWRFLTSANANVILAEAASGERPARWALTTGMASIPWEYLFFYMSPAEYNRMKNY
PGTFAKSASVRIRTWNTRVAFQTGDTQTANATLNQNKFLQVAKGIRSIPFICSTNRKYTYSDTEPMQPTGFATLTSYEYR
DGLKTAMYGYDNDNKDFAKKPPADATGAEIYLQDYLTIYTNDARATTGTKILAGFPPYKNFIEEFDASACINTDVVAMDY
DFSYAPLVPQFAPVPNNLITQNYNGSYPAGTKNEVTAAKTTDSSQATAPTQVRNAPRKYIQGPHADTTFFDEEQNYLRVP
IEQGGIFEEVNVETVHDTQMPSINVGIRAVPKLTTIDETTQANSWLDAQGYFEVDCVLTTESVDPYTYIKGGCYSANTKS
QLQYFASDGRPIAKVYDNPNVYGRMQMIKTVKP
;
_entity_poly.pdbx_strand_id   A
#
# COMPACT_ATOMS: atom_id res chain seq x y z
N PRO A 171 -21.46 24.77 31.94
CA PRO A 171 -21.73 23.84 30.84
C PRO A 171 -20.60 22.84 30.63
N ILE A 172 -20.75 21.64 31.20
CA ILE A 172 -19.73 20.61 31.08
C ILE A 172 -19.67 20.04 29.66
N GLY A 173 -20.78 20.01 28.94
CA GLY A 173 -20.77 19.53 27.57
C GLY A 173 -20.94 18.02 27.47
N LEU A 174 -20.58 17.50 26.30
CA LEU A 174 -20.69 16.08 26.05
C LEU A 174 -19.74 15.26 26.90
N HIS A 175 -20.21 14.08 27.30
CA HIS A 175 -19.33 13.03 27.80
C HIS A 175 -18.74 12.29 26.61
N VAL A 176 -17.50 12.61 26.27
CA VAL A 176 -16.78 11.93 25.19
C VAL A 176 -15.62 11.17 25.82
N GLU A 177 -15.63 9.85 25.67
CA GLU A 177 -14.56 9.01 26.19
C GLU A 177 -13.57 8.75 25.07
N LYS A 178 -12.30 9.07 25.31
CA LYS A 178 -11.29 9.15 24.26
C LYS A 178 -10.25 8.06 24.53
N PHE A 179 -9.98 7.20 23.55
CA PHE A 179 -9.02 6.12 23.72
C PHE A 179 -7.89 6.23 22.71
N GLN A 180 -6.68 5.93 23.17
CA GLN A 180 -5.50 5.82 22.32
C GLN A 180 -4.94 4.41 22.43
N GLN A 181 -4.65 3.78 21.28
CA GLN A 181 -4.09 2.44 21.26
C GLN A 181 -2.85 2.42 20.37
N THR A 182 -1.88 1.60 20.74
CA THR A 182 -0.63 1.47 20.02
C THR A 182 -0.40 0.01 19.65
N TYR A 183 -0.03 -0.23 18.39
CA TYR A 183 0.25 -1.57 17.88
C TYR A 183 1.67 -1.61 17.36
N ARG A 184 2.49 -2.47 17.95
CA ARG A 184 3.89 -2.60 17.55
C ARG A 184 4.13 -4.00 16.99
N LYS A 185 4.84 -4.05 15.87
CA LYS A 185 5.25 -5.32 15.29
C LYS A 185 6.72 -5.23 14.91
N LYS A 186 7.34 -6.39 14.73
CA LYS A 186 8.75 -6.48 14.44
C LYS A 186 8.96 -7.69 13.53
N TRP A 187 9.60 -7.47 12.39
CA TRP A 187 9.67 -8.46 11.33
C TRP A 187 11.11 -8.64 10.85
N ARG A 188 11.41 -9.85 10.39
CA ARG A 188 12.67 -10.16 9.73
C ARG A 188 12.37 -10.47 8.28
N PHE A 189 12.99 -9.73 7.37
CA PHE A 189 12.72 -9.85 5.95
C PHE A 189 14.00 -10.22 5.20
N LEU A 190 13.87 -11.19 4.32
CA LEU A 190 14.94 -11.57 3.40
C LEU A 190 14.56 -11.14 1.99
N THR A 191 15.51 -10.52 1.29
CA THR A 191 15.30 -10.08 -0.08
C THR A 191 16.37 -10.68 -0.98
N SER A 192 15.96 -11.09 -2.17
CA SER A 192 16.90 -11.59 -3.17
C SER A 192 17.60 -10.43 -3.86
N ALA A 193 18.88 -10.63 -4.18
CA ALA A 193 19.60 -9.64 -4.98
C ALA A 193 19.33 -9.91 -6.46
N ASN A 194 18.12 -9.59 -6.92
CA ASN A 194 17.74 -9.88 -8.29
C ASN A 194 18.56 -9.06 -9.26
N ALA A 195 18.85 -9.66 -10.42
CA ALA A 195 19.55 -8.95 -11.48
C ALA A 195 18.62 -7.93 -12.13
N ASN A 196 19.23 -6.94 -12.77
CA ASN A 196 18.48 -5.97 -13.56
C ASN A 196 18.40 -6.48 -14.99
N VAL A 197 17.27 -7.08 -15.34
CA VAL A 197 17.06 -7.64 -16.67
C VAL A 197 15.81 -6.99 -17.26
N ILE A 198 15.68 -7.03 -18.58
CA ILE A 198 14.52 -6.50 -19.26
C ILE A 198 13.59 -7.65 -19.61
N LEU A 199 12.35 -7.56 -19.18
CA LEU A 199 11.32 -8.56 -19.45
C LEU A 199 10.26 -7.97 -20.35
N ALA A 200 9.80 -8.77 -21.31
CA ALA A 200 8.72 -8.33 -22.19
C ALA A 200 7.38 -8.71 -21.61
N GLU A 201 6.49 -7.74 -21.50
CA GLU A 201 5.11 -7.98 -21.09
C GLU A 201 4.20 -7.68 -22.26
N ALA A 202 3.43 -8.68 -22.68
CA ALA A 202 2.60 -8.53 -23.87
C ALA A 202 1.35 -7.72 -23.56
N ALA A 203 0.72 -7.21 -24.62
CA ALA A 203 -0.52 -6.47 -24.45
C ALA A 203 -1.64 -7.39 -24.01
N SER A 204 -2.46 -6.89 -23.09
CA SER A 204 -3.59 -7.67 -22.59
C SER A 204 -4.76 -6.72 -22.38
N GLY A 205 -5.74 -6.78 -23.27
CA GLY A 205 -6.87 -5.88 -23.17
C GLY A 205 -6.43 -4.44 -23.34
N GLU A 206 -6.71 -3.62 -22.34
CA GLU A 206 -6.31 -2.22 -22.37
C GLU A 206 -4.87 -2.01 -21.93
N ARG A 207 -4.22 -3.04 -21.40
CA ARG A 207 -2.80 -2.94 -21.05
C ARG A 207 -1.95 -3.08 -22.31
N PRO A 208 -1.08 -2.13 -22.62
CA PRO A 208 -0.29 -2.22 -23.84
C PRO A 208 0.97 -3.07 -23.64
N ALA A 209 1.63 -3.34 -24.76
CA ALA A 209 2.90 -4.05 -24.72
C ALA A 209 3.98 -3.14 -24.15
N ARG A 210 4.79 -3.67 -23.24
CA ARG A 210 5.76 -2.84 -22.55
C ARG A 210 6.98 -3.68 -22.16
N TRP A 211 8.09 -2.98 -21.94
CA TRP A 211 9.32 -3.57 -21.46
C TRP A 211 9.42 -3.36 -19.96
N ALA A 212 9.76 -4.41 -19.23
CA ALA A 212 9.87 -4.35 -17.79
C ALA A 212 11.32 -4.52 -17.36
N LEU A 213 11.80 -3.57 -16.56
CA LEU A 213 13.14 -3.61 -16.01
C LEU A 213 13.02 -3.94 -14.51
N THR A 214 13.53 -5.11 -14.14
CA THR A 214 13.41 -5.60 -12.78
C THR A 214 14.48 -5.02 -11.87
N THR A 215 14.18 -4.93 -10.57
CA THR A 215 15.17 -4.55 -9.58
C THR A 215 15.14 -5.58 -8.46
N GLY A 216 16.09 -5.43 -7.53
CA GLY A 216 16.13 -6.23 -6.33
C GLY A 216 15.57 -5.56 -5.10
N MET A 217 14.85 -4.45 -5.26
CA MET A 217 14.32 -3.69 -4.14
C MET A 217 12.91 -4.19 -3.81
N ALA A 218 12.81 -4.98 -2.75
CA ALA A 218 11.52 -5.49 -2.30
C ALA A 218 10.71 -4.39 -1.64
N SER A 219 9.40 -4.45 -1.83
CA SER A 219 8.48 -3.46 -1.29
C SER A 219 8.14 -3.80 0.16
N ILE A 220 8.16 -2.78 1.02
CA ILE A 220 7.79 -2.94 2.43
C ILE A 220 6.35 -2.46 2.58
N PRO A 221 5.38 -3.37 2.80
CA PRO A 221 3.96 -2.98 2.90
C PRO A 221 3.60 -2.32 4.23
N TRP A 222 4.27 -1.22 4.55
CA TRP A 222 4.00 -0.49 5.77
C TRP A 222 2.73 0.35 5.67
N GLU A 223 2.10 0.40 4.50
CA GLU A 223 0.89 1.18 4.30
C GLU A 223 -0.38 0.41 4.58
N TYR A 224 -0.28 -0.81 5.10
CA TYR A 224 -1.43 -1.68 5.31
C TYR A 224 -1.51 -2.07 6.78
N LEU A 225 -2.74 -2.37 7.22
CA LEU A 225 -3.00 -2.51 8.64
C LEU A 225 -2.43 -3.81 9.21
N PHE A 226 -2.40 -4.87 8.40
CA PHE A 226 -1.85 -6.14 8.85
C PHE A 226 -0.37 -6.04 9.19
N PHE A 227 0.32 -5.02 8.66
CA PHE A 227 1.73 -4.83 8.98
C PHE A 227 1.93 -4.52 10.46
N TYR A 228 0.95 -3.88 11.09
CA TYR A 228 1.05 -3.46 12.48
C TYR A 228 0.15 -4.25 13.42
N MET A 229 -0.94 -4.82 12.91
CA MET A 229 -1.95 -5.41 13.76
C MET A 229 -2.13 -6.88 13.43
N SER A 230 -2.16 -7.71 14.47
CA SER A 230 -2.52 -9.10 14.33
C SER A 230 -4.02 -9.22 14.11
N PRO A 231 -4.49 -10.35 13.59
CA PRO A 231 -5.95 -10.52 13.43
C PRO A 231 -6.71 -10.40 14.74
N ALA A 232 -6.13 -10.80 15.87
CA ALA A 232 -6.80 -10.62 17.15
C ALA A 232 -6.98 -9.14 17.48
N GLU A 233 -5.92 -8.35 17.31
CA GLU A 233 -6.01 -6.92 17.58
C GLU A 233 -6.99 -6.26 16.62
N TYR A 234 -7.04 -6.72 15.38
CA TYR A 234 -7.97 -6.15 14.40
C TYR A 234 -9.42 -6.49 14.76
N ASN A 235 -9.68 -7.73 15.14
CA ASN A 235 -11.02 -8.14 15.52
C ASN A 235 -11.48 -7.43 16.79
N ARG A 236 -10.55 -7.11 17.69
CA ARG A 236 -10.93 -6.30 18.86
C ARG A 236 -11.16 -4.85 18.47
N MET A 237 -10.33 -4.31 17.56
CA MET A 237 -10.49 -2.94 17.12
C MET A 237 -11.84 -2.73 16.45
N LYS A 238 -12.40 -3.80 15.87
CA LYS A 238 -13.75 -3.72 15.34
C LYS A 238 -14.75 -3.19 16.36
N ASN A 239 -14.55 -3.49 17.65
CA ASN A 239 -15.49 -3.11 18.68
C ASN A 239 -15.35 -1.66 19.11
N TYR A 240 -14.56 -0.85 18.41
CA TYR A 240 -14.35 0.53 18.78
C TYR A 240 -14.71 1.46 17.63
N PRO A 241 -16.00 1.75 17.42
CA PRO A 241 -16.39 2.66 16.34
C PRO A 241 -15.81 4.05 16.54
N GLY A 242 -15.52 4.71 15.42
CA GLY A 242 -14.87 6.00 15.47
C GLY A 242 -13.36 5.93 15.56
N THR A 243 -12.78 4.79 15.19
CA THR A 243 -11.33 4.63 15.28
C THR A 243 -10.65 5.22 14.04
N PHE A 244 -9.66 6.07 14.27
CA PHE A 244 -8.87 6.65 13.20
C PHE A 244 -7.40 6.37 13.48
N ALA A 245 -6.70 5.88 12.46
CA ALA A 245 -5.25 5.76 12.55
C ALA A 245 -4.64 7.15 12.55
N LYS A 246 -3.98 7.51 13.63
CA LYS A 246 -3.36 8.81 13.80
C LYS A 246 -1.92 8.85 13.30
N SER A 247 -1.14 7.78 13.49
CA SER A 247 0.23 7.84 13.00
C SER A 247 0.76 6.44 12.71
N ALA A 248 1.76 6.38 11.84
CA ALA A 248 2.52 5.17 11.55
C ALA A 248 4.00 5.52 11.52
N SER A 249 4.83 4.57 11.93
CA SER A 249 6.27 4.77 11.93
C SER A 249 6.94 3.46 11.63
N VAL A 250 7.98 3.51 10.79
CA VAL A 250 8.70 2.32 10.39
C VAL A 250 10.19 2.59 10.47
N ARG A 251 10.93 1.65 11.08
CA ARG A 251 12.37 1.67 11.15
C ARG A 251 12.91 0.40 10.53
N ILE A 252 13.79 0.53 9.55
CA ILE A 252 14.40 -0.61 8.88
C ILE A 252 15.89 -0.57 9.15
N ARG A 253 16.42 -1.70 9.61
CA ARG A 253 17.79 -1.87 10.09
C ARG A 253 18.40 -3.04 9.33
N THR A 254 19.44 -2.79 8.55
CA THR A 254 20.02 -3.89 7.79
C THR A 254 21.11 -4.60 8.60
N TRP A 255 21.25 -5.91 8.34
CA TRP A 255 22.20 -6.82 8.95
C TRP A 255 23.14 -7.37 7.88
N ASN A 256 23.91 -8.40 8.27
CA ASN A 256 24.85 -9.06 7.36
C ASN A 256 24.14 -9.49 6.08
N THR A 257 24.86 -9.38 4.96
CA THR A 257 24.32 -9.82 3.67
C THR A 257 24.98 -11.13 3.26
N ARG A 258 24.15 -12.12 2.93
CA ARG A 258 24.66 -13.42 2.52
C ARG A 258 25.05 -13.39 1.05
N VAL A 259 26.21 -13.98 0.74
CA VAL A 259 26.71 -14.08 -0.62
C VAL A 259 27.17 -15.51 -0.87
N ALA A 260 26.78 -16.07 -2.01
CA ALA A 260 27.11 -17.45 -2.34
C ALA A 260 28.61 -17.60 -2.58
N PHE A 261 29.15 -18.74 -2.21
CA PHE A 261 30.57 -19.03 -2.40
C PHE A 261 30.87 -19.41 -3.85
N ALA A 271 33.14 -20.45 -6.85
CA ALA A 271 34.04 -20.31 -5.71
C ALA A 271 34.80 -18.99 -5.77
N THR A 272 34.35 -18.02 -4.99
CA THR A 272 34.99 -16.71 -4.91
C THR A 272 34.96 -16.25 -3.46
N LEU A 273 35.87 -15.36 -3.10
CA LEU A 273 35.98 -14.91 -1.71
C LEU A 273 35.69 -13.42 -1.56
N ASN A 274 36.38 -12.57 -2.33
CA ASN A 274 36.18 -11.14 -2.22
C ASN A 274 34.81 -10.76 -2.77
N GLN A 275 34.13 -9.86 -2.06
CA GLN A 275 32.75 -9.52 -2.37
C GLN A 275 32.53 -8.02 -2.23
N ASN A 276 31.78 -7.46 -3.17
CA ASN A 276 31.27 -6.09 -3.07
C ASN A 276 29.75 -6.15 -2.92
N LYS A 277 29.25 -5.65 -1.79
CA LYS A 277 27.83 -5.68 -1.48
C LYS A 277 27.32 -4.26 -1.33
N PHE A 278 26.24 -3.93 -2.04
CA PHE A 278 25.66 -2.60 -2.01
C PHE A 278 24.18 -2.68 -1.69
N LEU A 279 23.72 -1.72 -0.88
CA LEU A 279 22.36 -1.71 -0.36
C LEU A 279 21.58 -0.58 -1.01
N GLN A 280 20.51 -0.94 -1.73
CA GLN A 280 19.65 0.02 -2.41
C GLN A 280 18.45 0.35 -1.55
N VAL A 281 18.17 1.64 -1.38
CA VAL A 281 17.02 2.13 -0.63
C VAL A 281 16.29 3.14 -1.52
N ALA A 282 15.04 2.85 -1.85
CA ALA A 282 14.21 3.72 -2.68
C ALA A 282 13.02 4.18 -1.86
N LYS A 283 12.92 5.49 -1.65
CA LYS A 283 11.81 6.10 -0.94
C LYS A 283 11.05 7.02 -1.90
N GLY A 284 9.73 6.83 -1.97
CA GLY A 284 8.89 7.70 -2.78
C GLY A 284 9.00 7.53 -4.27
N ILE A 285 9.45 6.36 -4.75
CA ILE A 285 9.49 6.11 -6.19
C ILE A 285 8.07 6.02 -6.75
N ARG A 286 7.13 5.54 -5.95
CA ARG A 286 5.77 5.35 -6.42
C ARG A 286 5.10 6.66 -6.81
N SER A 287 5.50 7.76 -6.18
CA SER A 287 4.86 9.05 -6.44
C SER A 287 5.53 9.85 -7.54
N ILE A 288 6.66 9.38 -8.07
CA ILE A 288 7.36 10.09 -9.14
C ILE A 288 6.55 10.01 -10.42
N PRO A 289 6.24 11.13 -11.06
CA PRO A 289 5.29 11.10 -12.19
C PRO A 289 5.83 10.41 -13.42
N PHE A 290 7.07 10.68 -13.80
CA PHE A 290 7.62 10.19 -15.06
C PHE A 290 8.16 8.77 -14.97
N ILE A 291 8.30 8.22 -13.77
CA ILE A 291 8.75 6.84 -13.60
C ILE A 291 7.51 5.97 -13.41
N CYS A 292 7.26 5.09 -14.37
CA CYS A 292 6.21 4.10 -14.23
C CYS A 292 6.78 2.85 -13.57
N SER A 293 6.28 2.52 -12.38
CA SER A 293 6.86 1.42 -11.63
C SER A 293 5.77 0.75 -10.80
N THR A 294 5.87 -0.57 -10.71
CA THR A 294 5.01 -1.34 -9.80
C THR A 294 5.84 -2.43 -9.14
N ASN A 295 5.27 -3.03 -8.11
CA ASN A 295 5.92 -4.14 -7.44
C ASN A 295 5.39 -5.46 -8.00
N ARG A 296 6.30 -6.31 -8.47
CA ARG A 296 5.93 -7.52 -9.17
C ARG A 296 6.71 -8.70 -8.61
N LYS A 297 6.14 -9.88 -8.76
CA LYS A 297 6.82 -11.13 -8.42
C LYS A 297 7.33 -11.78 -9.69
N TYR A 298 8.60 -12.17 -9.68
CA TYR A 298 9.26 -12.69 -10.87
C TYR A 298 9.33 -14.21 -10.83
N THR A 299 9.47 -14.80 -12.01
CA THR A 299 9.91 -16.18 -12.13
C THR A 299 11.38 -16.20 -12.51
N TYR A 300 12.11 -17.18 -11.96
CA TYR A 300 13.55 -17.22 -12.07
C TYR A 300 13.99 -18.44 -12.87
N SER A 301 15.13 -18.30 -13.56
CA SER A 301 15.69 -19.42 -14.29
C SER A 301 16.28 -20.45 -13.34
N ASP A 302 16.24 -21.71 -13.77
CA ASP A 302 16.80 -22.79 -12.96
C ASP A 302 18.30 -22.64 -12.78
N THR A 303 19.01 -22.26 -13.84
CA THR A 303 20.46 -22.12 -13.77
C THR A 303 20.90 -20.87 -13.04
N GLU A 304 20.13 -19.78 -13.14
CA GLU A 304 20.45 -18.52 -12.46
C GLU A 304 19.27 -18.13 -11.58
N PRO A 305 19.31 -18.49 -10.29
CA PRO A 305 18.22 -18.10 -9.38
C PRO A 305 18.15 -16.60 -9.12
N MET A 306 19.17 -15.83 -9.51
CA MET A 306 19.12 -14.38 -9.37
C MET A 306 18.58 -13.68 -10.60
N GLN A 307 18.31 -14.42 -11.69
CA GLN A 307 17.91 -13.82 -12.94
C GLN A 307 16.42 -14.00 -13.15
N PRO A 308 15.63 -12.93 -13.11
CA PRO A 308 14.21 -13.07 -13.47
C PRO A 308 14.05 -13.40 -14.95
N THR A 309 13.16 -14.36 -15.22
CA THR A 309 12.85 -14.74 -16.60
C THR A 309 11.41 -14.48 -16.98
N GLY A 310 10.60 -13.93 -16.09
CA GLY A 310 9.21 -13.68 -16.38
C GLY A 310 8.51 -13.11 -15.16
N PHE A 311 7.18 -13.13 -15.22
CA PHE A 311 6.35 -12.65 -14.14
C PHE A 311 5.46 -13.77 -13.61
N ALA A 312 5.48 -13.94 -12.29
CA ALA A 312 4.55 -14.87 -11.66
C ALA A 312 3.15 -14.28 -11.67
N THR A 313 2.16 -15.17 -11.71
CA THR A 313 0.76 -14.74 -11.75
C THR A 313 0.29 -14.15 -10.43
N LEU A 314 1.16 -14.09 -9.42
CA LEU A 314 0.77 -13.53 -8.13
C LEU A 314 0.49 -12.05 -8.25
N THR A 315 -0.59 -11.59 -7.64
CA THR A 315 -0.90 -10.17 -7.62
C THR A 315 -0.36 -9.54 -6.34
N SER A 316 -0.54 -8.22 -6.23
CA SER A 316 -0.14 -7.52 -5.01
C SER A 316 -1.02 -7.87 -3.82
N TYR A 317 -2.32 -8.01 -4.04
CA TYR A 317 -3.19 -8.51 -2.97
C TYR A 317 -2.75 -9.88 -2.50
N GLU A 318 -2.48 -10.79 -3.42
CA GLU A 318 -2.08 -12.14 -3.02
C GLU A 318 -0.71 -12.13 -2.36
N TYR A 319 0.19 -11.24 -2.79
CA TYR A 319 1.46 -11.08 -2.10
C TYR A 319 1.26 -10.67 -0.66
N ARG A 320 0.40 -9.66 -0.43
CA ARG A 320 0.15 -9.20 0.93
C ARG A 320 -0.58 -10.26 1.74
N ASP A 321 -1.45 -11.04 1.11
CA ASP A 321 -2.17 -12.10 1.81
C ASP A 321 -1.24 -13.22 2.24
N GLY A 322 -0.35 -13.66 1.35
CA GLY A 322 0.66 -14.64 1.73
C GLY A 322 1.60 -14.11 2.79
N LEU A 323 1.92 -12.82 2.72
CA LEU A 323 2.75 -12.20 3.75
C LEU A 323 2.05 -12.23 5.10
N LYS A 324 0.75 -11.89 5.12
CA LYS A 324 -0.01 -11.93 6.37
C LYS A 324 -0.07 -13.35 6.92
N THR A 325 -0.27 -14.33 6.03
CA THR A 325 -0.29 -15.72 6.47
C THR A 325 1.05 -16.13 7.06
N ALA A 326 2.16 -15.69 6.45
CA ALA A 326 3.46 -15.99 7.01
C ALA A 326 3.65 -15.32 8.38
N MET A 327 3.12 -14.10 8.54
CA MET A 327 3.29 -13.40 9.80
C MET A 327 2.47 -14.05 10.93
N TYR A 328 1.24 -14.44 10.64
CA TYR A 328 0.30 -14.76 11.69
C TYR A 328 -0.25 -16.18 11.68
N GLY A 329 0.10 -17.01 10.71
CA GLY A 329 -0.33 -18.39 10.70
C GLY A 329 -1.77 -18.56 10.22
N TYR A 330 -2.18 -19.81 10.16
CA TYR A 330 -3.55 -20.17 9.85
C TYR A 330 -4.39 -20.30 11.12
N ASP A 331 -5.65 -20.64 10.93
CA ASP A 331 -6.51 -21.01 12.05
C ASP A 331 -6.21 -22.43 12.50
N ASN A 332 -6.48 -22.70 13.78
CA ASN A 332 -6.15 -24.00 14.37
C ASN A 332 -6.84 -25.17 13.69
N ASP A 333 -7.95 -24.93 12.98
CA ASP A 333 -8.68 -25.97 12.31
C ASP A 333 -8.29 -26.13 10.84
N ASN A 334 -7.31 -25.36 10.37
CA ASN A 334 -6.92 -25.43 8.97
C ASN A 334 -6.23 -26.74 8.64
N LYS A 335 -6.54 -27.28 7.46
CA LYS A 335 -5.89 -28.53 7.03
C LYS A 335 -4.40 -28.34 6.80
N ASP A 336 -3.99 -27.13 6.41
CA ASP A 336 -2.58 -26.81 6.18
C ASP A 336 -2.00 -25.92 7.28
N PHE A 337 -2.43 -26.11 8.52
CA PHE A 337 -1.98 -25.25 9.61
C PHE A 337 -0.48 -25.38 9.83
N ALA A 338 0.06 -26.59 9.72
CA ALA A 338 1.46 -26.84 10.03
C ALA A 338 2.41 -26.24 9.00
N LYS A 339 1.91 -25.91 7.80
CA LYS A 339 2.80 -25.46 6.74
C LYS A 339 3.37 -24.07 7.02
N LYS A 340 2.68 -23.25 7.81
CA LYS A 340 3.02 -21.84 7.96
C LYS A 340 3.15 -21.48 9.44
N PRO A 341 4.31 -21.71 10.04
CA PRO A 341 4.55 -21.25 11.41
C PRO A 341 4.50 -19.73 11.50
N PRO A 342 3.89 -19.19 12.54
CA PRO A 342 3.70 -17.73 12.61
C PRO A 342 5.00 -17.01 12.93
N ALA A 343 5.35 -16.05 12.08
CA ALA A 343 6.52 -15.22 12.36
C ALA A 343 6.30 -14.32 13.56
N ASP A 344 5.05 -13.91 13.82
CA ASP A 344 4.76 -13.12 15.01
C ASP A 344 5.05 -13.90 16.29
N ALA A 345 4.98 -15.24 16.21
CA ALA A 345 5.28 -16.06 17.39
C ALA A 345 6.75 -16.44 17.43
N THR A 346 7.33 -16.78 16.28
CA THR A 346 8.65 -17.38 16.26
C THR A 346 9.79 -16.37 16.13
N GLY A 347 9.55 -15.23 15.51
CA GLY A 347 10.63 -14.30 15.22
C GLY A 347 11.42 -14.65 13.99
N ALA A 348 10.95 -15.58 13.17
CA ALA A 348 11.73 -16.05 12.03
C ALA A 348 11.62 -15.08 10.86
N GLU A 349 12.37 -15.39 9.80
CA GLU A 349 12.48 -14.50 8.66
C GLU A 349 11.45 -14.86 7.59
N ILE A 350 10.99 -13.85 6.86
CA ILE A 350 10.07 -14.03 5.75
C ILE A 350 10.75 -13.52 4.48
N TYR A 351 10.74 -14.34 3.44
CA TYR A 351 11.21 -13.90 2.13
C TYR A 351 10.16 -13.03 1.45
N LEU A 352 10.60 -12.00 0.74
CA LEU A 352 9.73 -11.08 0.03
C LEU A 352 9.84 -11.31 -1.47
N GLN A 353 8.72 -11.20 -2.17
CA GLN A 353 8.68 -11.53 -3.59
C GLN A 353 8.29 -10.37 -4.50
N ASP A 354 7.60 -9.35 -4.00
CA ASP A 354 7.30 -8.18 -4.82
C ASP A 354 8.50 -7.23 -4.82
N TYR A 355 9.10 -7.06 -5.99
CA TYR A 355 10.26 -6.20 -6.18
C TYR A 355 9.88 -5.09 -7.15
N LEU A 356 10.59 -3.98 -7.03
CA LEU A 356 10.31 -2.82 -7.88
C LEU A 356 10.61 -3.15 -9.34
N THR A 357 9.73 -2.71 -10.22
CA THR A 357 9.85 -2.97 -11.65
C THR A 357 9.45 -1.71 -12.39
N ILE A 358 10.37 -1.19 -13.19
CA ILE A 358 10.13 -0.03 -14.03
C ILE A 358 9.58 -0.52 -15.35
N TYR A 359 8.76 0.29 -16.00
CA TYR A 359 8.24 -0.05 -17.31
C TYR A 359 8.54 1.07 -18.30
N THR A 360 8.78 0.66 -19.54
CA THR A 360 8.87 1.59 -20.66
C THR A 360 8.03 1.02 -21.79
N ASN A 361 7.70 1.87 -22.77
CA ASN A 361 6.86 1.43 -23.86
C ASN A 361 7.61 0.47 -24.77
N ASP A 362 6.85 -0.41 -25.41
CA ASP A 362 7.39 -1.38 -26.37
C ASP A 362 6.90 -0.97 -27.75
N ALA A 363 7.79 -0.38 -28.54
CA ALA A 363 7.41 0.20 -29.83
C ALA A 363 7.71 -0.73 -31.00
N ARG A 364 7.95 -2.02 -30.76
CA ARG A 364 8.22 -2.94 -31.87
C ARG A 364 7.03 -3.02 -32.81
N ALA A 365 5.82 -3.14 -32.27
CA ALA A 365 4.62 -3.21 -33.08
C ALA A 365 3.87 -1.90 -33.17
N THR A 366 4.41 -0.83 -32.59
CA THR A 366 3.74 0.47 -32.63
C THR A 366 3.79 1.05 -34.05
N THR A 367 2.63 1.45 -34.55
CA THR A 367 2.51 2.02 -35.89
C THR A 367 2.20 3.51 -35.79
N GLY A 368 2.97 4.31 -36.52
CA GLY A 368 2.77 5.75 -36.52
C GLY A 368 3.90 6.46 -35.81
N THR A 369 3.56 7.26 -34.80
CA THR A 369 4.56 8.02 -34.05
C THR A 369 5.10 7.15 -32.92
N LYS A 370 6.36 6.79 -33.01
CA LYS A 370 6.98 5.95 -32.00
C LYS A 370 7.77 6.77 -31.00
N ILE A 371 7.57 6.51 -29.73
CA ILE A 371 8.34 7.11 -28.65
C ILE A 371 9.50 6.18 -28.34
N LEU A 372 10.72 6.66 -28.55
CA LEU A 372 11.92 5.85 -28.40
C LEU A 372 12.84 6.40 -27.32
N ALA A 373 12.27 6.78 -26.17
CA ALA A 373 13.04 7.37 -25.10
C ALA A 373 13.77 6.35 -24.24
N GLY A 374 13.52 5.06 -24.43
CA GLY A 374 14.17 4.07 -23.59
C GLY A 374 13.63 4.09 -22.18
N PHE A 375 14.51 3.78 -21.23
CA PHE A 375 14.14 3.75 -19.83
C PHE A 375 14.47 5.08 -19.15
N PRO A 376 13.80 5.40 -18.05
CA PRO A 376 14.23 6.53 -17.24
C PRO A 376 15.39 6.13 -16.34
N PRO A 377 16.28 7.07 -15.99
CA PRO A 377 17.41 6.74 -15.12
C PRO A 377 17.00 6.63 -13.65
N TYR A 378 16.36 5.51 -13.30
CA TYR A 378 15.75 5.39 -11.98
C TYR A 378 16.79 5.33 -10.88
N LYS A 379 18.03 4.96 -11.19
CA LYS A 379 19.06 4.91 -10.16
C LYS A 379 19.49 6.30 -9.71
N ASN A 380 19.07 7.35 -10.42
CA ASN A 380 19.34 8.72 -9.99
C ASN A 380 18.41 9.13 -8.85
N PHE A 381 17.42 8.31 -8.51
CA PHE A 381 16.44 8.64 -7.50
C PHE A 381 16.44 7.70 -6.31
N ILE A 382 17.43 6.82 -6.21
CA ILE A 382 17.51 5.87 -5.10
C ILE A 382 18.79 6.11 -4.33
N GLU A 383 18.80 5.68 -3.08
CA GLU A 383 20.00 5.70 -2.25
C GLU A 383 20.67 4.35 -2.27
N GLU A 384 22.00 4.34 -2.44
CA GLU A 384 22.74 3.10 -2.45
C GLU A 384 23.88 3.21 -1.44
N PHE A 385 23.93 2.24 -0.54
CA PHE A 385 24.88 2.24 0.57
C PHE A 385 25.83 1.06 0.43
N ASP A 386 26.90 1.10 1.22
CA ASP A 386 27.83 -0.03 1.32
C ASP A 386 27.30 -1.00 2.35
N ALA A 387 26.84 -2.17 1.89
CA ALA A 387 26.20 -3.13 2.78
C ALA A 387 27.16 -3.62 3.85
N SER A 388 28.42 -3.84 3.48
CA SER A 388 29.40 -4.35 4.45
C SER A 388 29.57 -3.42 5.63
N ALA A 389 29.64 -2.12 5.38
CA ALA A 389 29.71 -1.14 6.47
C ALA A 389 28.37 -0.91 7.14
N CYS A 390 27.27 -1.13 6.42
CA CYS A 390 25.93 -0.91 6.97
C CYS A 390 25.40 -2.10 7.75
N ILE A 391 26.14 -3.21 7.82
CA ILE A 391 25.70 -4.35 8.62
C ILE A 391 25.31 -3.90 10.01
N ASN A 392 24.11 -4.28 10.43
CA ASN A 392 23.53 -3.89 11.72
C ASN A 392 23.46 -2.36 11.88
N THR A 393 22.91 -1.69 10.87
CA THR A 393 22.76 -0.24 10.90
C THR A 393 21.39 0.18 10.39
N ASP A 394 20.83 1.21 11.01
CA ASP A 394 19.54 1.75 10.59
C ASP A 394 19.67 2.46 9.25
N VAL A 395 18.83 2.10 8.29
CA VAL A 395 18.93 2.65 6.95
C VAL A 395 17.62 3.31 6.52
N VAL A 396 16.51 2.94 7.17
CA VAL A 396 15.23 3.58 6.86
C VAL A 396 14.56 4.01 8.16
N ALA A 397 14.03 5.23 8.19
CA ALA A 397 13.32 5.76 9.35
C ALA A 397 12.24 6.71 8.82
N MET A 398 11.03 6.20 8.63
CA MET A 398 9.98 6.96 7.98
C MET A 398 8.75 7.06 8.87
N ASP A 399 8.26 8.29 9.06
CA ASP A 399 7.11 8.58 9.89
C ASP A 399 6.01 9.17 9.02
N TYR A 400 4.77 8.84 9.34
CA TYR A 400 3.62 9.34 8.59
C TYR A 400 2.48 9.67 9.52
N ASP A 401 1.88 10.85 9.33
CA ASP A 401 0.67 11.24 10.04
C ASP A 401 -0.50 11.14 9.07
N PHE A 402 -1.52 10.38 9.45
CA PHE A 402 -2.65 10.17 8.55
C PHE A 402 -3.58 11.36 8.58
N SER A 403 -4.10 11.72 7.40
CA SER A 403 -5.08 12.79 7.31
C SER A 403 -6.48 12.31 7.66
N TYR A 404 -6.94 11.25 6.99
CA TYR A 404 -8.24 10.68 7.30
C TYR A 404 -8.15 9.17 7.04
N ALA A 405 -8.02 8.40 8.12
CA ALA A 405 -7.87 6.94 8.04
C ALA A 405 -8.89 6.28 8.95
N PRO A 406 -10.14 6.22 8.54
CA PRO A 406 -11.17 5.57 9.38
C PRO A 406 -11.01 4.07 9.41
N LEU A 407 -10.52 3.53 10.51
CA LEU A 407 -10.43 2.08 10.64
C LEU A 407 -11.79 1.46 10.94
N VAL A 408 -12.60 2.11 11.75
CA VAL A 408 -13.94 1.64 12.08
C VAL A 408 -14.88 2.82 11.89
N PRO A 409 -16.07 2.63 11.30
CA PRO A 409 -17.00 3.75 11.13
C PRO A 409 -17.45 4.32 12.47
N GLN A 410 -17.75 5.61 12.46
CA GLN A 410 -18.19 6.30 13.67
C GLN A 410 -19.52 5.73 14.16
N PHE A 411 -19.87 6.11 15.39
CA PHE A 411 -21.19 5.80 15.91
C PHE A 411 -22.26 6.51 15.10
N ALA A 412 -23.36 5.82 14.84
CA ALA A 412 -24.47 6.46 14.14
C ALA A 412 -25.11 7.51 15.03
N PRO A 413 -25.50 8.65 14.46
CA PRO A 413 -26.25 9.64 15.24
C PRO A 413 -27.72 9.28 15.34
N VAL A 414 -28.42 10.00 16.21
CA VAL A 414 -29.87 9.91 16.25
C VAL A 414 -30.39 10.62 15.00
N PRO A 415 -31.13 9.95 14.13
CA PRO A 415 -31.55 10.58 12.87
C PRO A 415 -32.55 11.69 13.14
N ASN A 416 -32.27 12.88 12.60
CA ASN A 416 -33.11 14.04 12.87
C ASN A 416 -34.37 14.05 12.03
N ASN A 417 -34.51 13.14 11.07
CA ASN A 417 -35.76 13.01 10.34
C ASN A 417 -36.87 12.44 11.22
N LEU A 418 -36.50 11.75 12.30
CA LEU A 418 -37.47 11.23 13.25
C LEU A 418 -37.99 12.30 14.20
N ILE A 419 -37.35 13.47 14.20
CA ILE A 419 -37.69 14.53 15.14
C ILE A 419 -38.12 15.82 14.44
N THR A 420 -37.70 16.05 13.20
CA THR A 420 -37.96 17.29 12.50
C THR A 420 -38.48 17.02 11.11
N GLN A 421 -39.25 17.97 10.58
CA GLN A 421 -39.54 18.02 9.15
C GLN A 421 -38.47 18.77 8.38
N ASN A 422 -37.45 19.27 9.06
CA ASN A 422 -36.39 20.10 8.49
C ASN A 422 -35.25 19.26 7.96
N TYR A 423 -35.32 17.93 8.08
CA TYR A 423 -34.16 17.07 7.86
C TYR A 423 -33.55 17.27 6.47
N ASN A 424 -34.36 17.52 5.46
CA ASN A 424 -33.87 17.69 4.10
C ASN A 424 -33.71 19.16 3.74
N GLY A 425 -33.26 19.99 4.66
CA GLY A 425 -33.13 21.41 4.39
C GLY A 425 -31.80 21.75 3.74
N SER A 426 -31.75 22.92 3.12
CA SER A 426 -30.54 23.41 2.49
C SER A 426 -30.00 24.62 3.24
N TYR A 427 -28.68 24.77 3.19
CA TYR A 427 -28.01 25.91 3.81
C TYR A 427 -26.90 26.38 2.89
N PRO A 428 -26.55 27.67 2.92
CA PRO A 428 -25.59 28.18 1.93
C PRO A 428 -24.17 27.71 2.22
N ALA A 429 -23.45 27.35 1.15
CA ALA A 429 -22.06 26.97 1.29
C ALA A 429 -21.11 28.12 1.02
N GLY A 430 -21.60 29.20 0.40
CA GLY A 430 -20.71 30.31 0.08
C GLY A 430 -19.76 29.95 -1.04
N THR A 431 -18.59 30.57 -1.02
CA THR A 431 -17.56 30.30 -2.02
C THR A 431 -16.66 29.13 -1.65
N LYS A 432 -16.92 28.48 -0.52
CA LYS A 432 -16.14 27.32 -0.11
C LYS A 432 -16.75 26.05 -0.65
N ASN A 433 -15.90 25.08 -0.96
CA ASN A 433 -16.33 23.74 -1.34
C ASN A 433 -16.39 22.90 -0.07
N GLU A 434 -17.59 22.45 0.30
CA GLU A 434 -17.75 21.54 1.42
C GLU A 434 -18.37 20.22 1.00
N VAL A 435 -18.38 19.95 -0.30
CA VAL A 435 -18.64 18.62 -0.84
C VAL A 435 -17.44 18.26 -1.72
N THR A 436 -16.90 17.07 -1.54
CA THR A 436 -15.68 16.68 -2.22
C THR A 436 -15.92 16.45 -3.70
N ALA A 437 -14.84 16.52 -4.47
CA ALA A 437 -14.88 16.31 -5.91
C ALA A 437 -13.83 15.29 -6.32
N ALA A 438 -14.06 14.66 -7.47
CA ALA A 438 -13.15 13.69 -8.03
C ALA A 438 -12.59 14.21 -9.36
N LYS A 439 -11.28 14.07 -9.53
CA LYS A 439 -10.60 14.50 -10.74
C LYS A 439 -10.24 13.28 -11.59
N THR A 440 -10.70 13.27 -12.83
CA THR A 440 -10.35 12.24 -13.80
C THR A 440 -9.40 12.82 -14.83
N THR A 441 -8.29 12.12 -15.06
CA THR A 441 -7.30 12.57 -16.03
C THR A 441 -7.21 11.55 -17.16
N ASP A 442 -6.50 11.94 -18.20
CA ASP A 442 -6.33 11.08 -19.39
C ASP A 442 -4.91 11.30 -19.89
N SER A 443 -4.02 10.36 -19.57
CA SER A 443 -2.62 10.49 -19.98
C SER A 443 -2.44 10.29 -21.48
N SER A 444 -3.41 9.69 -22.16
CA SER A 444 -3.40 9.62 -23.62
C SER A 444 -3.75 10.95 -24.26
N GLN A 445 -4.20 11.93 -23.46
CA GLN A 445 -4.57 13.26 -23.92
C GLN A 445 -5.69 13.25 -24.95
N ALA A 446 -6.48 12.18 -24.98
CA ALA A 446 -7.67 12.16 -25.82
C ALA A 446 -8.73 13.11 -25.30
N THR A 447 -8.84 13.25 -23.98
CA THR A 447 -9.79 14.15 -23.36
C THR A 447 -9.10 14.99 -22.30
N ALA A 448 -9.63 16.18 -22.05
CA ALA A 448 -9.09 17.05 -21.02
C ALA A 448 -9.45 16.50 -19.63
N PRO A 449 -8.70 16.89 -18.59
CA PRO A 449 -9.07 16.48 -17.23
C PRO A 449 -10.43 17.04 -16.84
N THR A 450 -11.14 16.30 -16.00
CA THR A 450 -12.49 16.65 -15.60
C THR A 450 -12.57 16.63 -14.07
N GLN A 451 -13.31 17.58 -13.51
CA GLN A 451 -13.64 17.58 -12.09
C GLN A 451 -15.13 17.37 -11.93
N VAL A 452 -15.51 16.37 -11.13
CA VAL A 452 -16.91 16.01 -10.93
C VAL A 452 -17.23 16.20 -9.45
N ARG A 453 -18.23 17.03 -9.19
CA ARG A 453 -18.77 17.22 -7.84
C ARG A 453 -19.98 16.32 -7.64
N ASN A 454 -20.27 16.04 -6.37
CA ASN A 454 -21.43 15.23 -5.98
C ASN A 454 -21.39 13.84 -6.64
N ALA A 455 -20.24 13.18 -6.57
CA ALA A 455 -20.12 11.83 -7.10
C ALA A 455 -20.96 10.87 -6.25
N PRO A 456 -21.37 9.74 -6.84
CA PRO A 456 -22.20 8.78 -6.08
C PRO A 456 -21.47 8.29 -4.84
N ARG A 457 -22.09 8.53 -3.68
CA ARG A 457 -21.50 8.12 -2.41
C ARG A 457 -22.63 7.86 -1.42
N LYS A 458 -22.31 7.12 -0.37
CA LYS A 458 -23.34 6.77 0.61
C LYS A 458 -22.74 6.64 2.00
N TYR A 459 -23.62 6.76 2.98
CA TYR A 459 -23.19 6.81 4.38
C TYR A 459 -22.71 5.45 4.86
N ILE A 460 -21.68 5.47 5.71
CA ILE A 460 -21.14 4.24 6.26
C ILE A 460 -21.66 3.93 7.66
N GLN A 461 -22.58 4.74 8.18
CA GLN A 461 -23.33 4.40 9.38
C GLN A 461 -24.66 5.12 9.32
N GLY A 462 -25.65 4.57 10.03
CA GLY A 462 -26.96 5.18 10.09
C GLY A 462 -28.05 4.33 9.47
N PRO A 463 -29.19 4.96 9.13
CA PRO A 463 -30.34 4.18 8.63
C PRO A 463 -30.06 3.43 7.34
N HIS A 464 -29.61 4.12 6.30
CA HIS A 464 -29.34 3.51 5.01
C HIS A 464 -27.87 3.22 4.80
N ALA A 465 -27.16 2.83 5.86
CA ALA A 465 -25.72 2.65 5.79
C ALA A 465 -25.35 1.52 4.85
N ASP A 466 -24.15 1.64 4.28
CA ASP A 466 -23.54 0.59 3.47
C ASP A 466 -22.13 0.38 4.00
N THR A 467 -21.90 -0.74 4.68
CA THR A 467 -20.64 -1.00 5.36
C THR A 467 -19.87 -2.18 4.78
N THR A 468 -20.08 -2.50 3.49
CA THR A 468 -19.38 -3.63 2.89
C THR A 468 -17.87 -3.43 2.92
N PHE A 469 -17.41 -2.18 2.83
CA PHE A 469 -15.99 -1.90 2.89
C PHE A 469 -15.37 -2.39 4.19
N PHE A 470 -16.06 -2.15 5.31
CA PHE A 470 -15.55 -2.54 6.62
C PHE A 470 -15.97 -3.95 7.02
N ASP A 471 -16.92 -4.55 6.31
CA ASP A 471 -17.41 -5.87 6.68
C ASP A 471 -16.76 -6.98 5.86
N GLU A 472 -16.27 -6.68 4.67
CA GLU A 472 -16.03 -7.72 3.68
C GLU A 472 -14.81 -8.60 3.98
N GLU A 473 -13.63 -8.04 4.19
CA GLU A 473 -13.31 -6.69 4.65
C GLU A 473 -12.04 -6.17 3.99
N GLN A 474 -11.89 -4.85 3.92
CA GLN A 474 -10.96 -4.28 2.96
C GLN A 474 -9.75 -3.58 3.60
N ASN A 475 -9.93 -2.89 4.72
CA ASN A 475 -8.86 -2.05 5.23
C ASN A 475 -7.78 -2.81 5.98
N TYR A 476 -7.85 -4.14 6.04
CA TYR A 476 -6.83 -4.89 6.76
C TYR A 476 -5.56 -5.04 5.93
N LEU A 477 -5.68 -5.67 4.75
CA LEU A 477 -4.51 -5.82 3.90
C LEU A 477 -4.82 -5.55 2.43
N ARG A 478 -6.10 -5.48 2.07
CA ARG A 478 -6.46 -5.28 0.67
C ARG A 478 -6.27 -3.82 0.24
N VAL A 479 -6.51 -2.89 1.16
CA VAL A 479 -6.57 -1.47 0.84
C VAL A 479 -5.68 -0.72 1.82
N PRO A 480 -4.96 0.31 1.39
CA PRO A 480 -4.03 1.01 2.30
C PRO A 480 -4.76 1.70 3.45
N ILE A 481 -4.00 1.96 4.52
CA ILE A 481 -4.57 2.61 5.70
C ILE A 481 -5.05 4.01 5.34
N GLU A 482 -4.24 4.77 4.63
CA GLU A 482 -4.56 6.15 4.32
C GLU A 482 -5.61 6.23 3.23
N GLN A 483 -6.74 6.88 3.53
CA GLN A 483 -7.83 6.99 2.58
C GLN A 483 -8.34 8.42 2.44
N GLY A 484 -7.48 9.42 2.60
CA GLY A 484 -7.87 10.80 2.46
C GLY A 484 -8.42 11.10 1.08
N GLY A 485 -9.61 11.71 1.02
CA GLY A 485 -10.32 11.95 -0.21
C GLY A 485 -11.46 10.98 -0.45
N ILE A 486 -11.26 9.71 -0.09
CA ILE A 486 -12.30 8.71 -0.28
C ILE A 486 -13.47 8.92 0.67
N PHE A 487 -13.17 9.27 1.92
CA PHE A 487 -14.20 9.38 2.95
C PHE A 487 -14.53 10.85 3.17
N GLU A 488 -15.82 11.15 3.23
CA GLU A 488 -16.33 12.51 3.33
C GLU A 488 -17.24 12.63 4.54
N GLU A 489 -17.04 13.69 5.33
CA GLU A 489 -17.97 14.00 6.40
C GLU A 489 -18.89 15.13 5.99
N VAL A 490 -20.07 15.17 6.61
CA VAL A 490 -20.99 16.27 6.39
C VAL A 490 -20.44 17.55 7.02
N ASN A 491 -19.39 17.42 7.84
CA ASN A 491 -18.77 18.56 8.49
C ASN A 491 -18.20 19.53 7.46
N VAL A 492 -17.90 20.75 7.93
CA VAL A 492 -17.31 21.79 7.09
C VAL A 492 -15.85 21.52 6.77
N GLU A 493 -15.26 20.51 7.40
CA GLU A 493 -13.83 20.28 7.33
C GLU A 493 -13.35 20.06 5.90
N THR A 494 -12.15 20.57 5.61
CA THR A 494 -11.59 20.49 4.27
C THR A 494 -10.97 19.12 4.03
N VAL A 495 -11.04 18.66 2.79
CA VAL A 495 -10.54 17.36 2.39
C VAL A 495 -9.50 17.55 1.29
N HIS A 496 -8.41 16.80 1.37
CA HIS A 496 -7.34 16.88 0.38
C HIS A 496 -6.85 15.48 0.06
N ASP A 497 -6.27 15.34 -1.14
CA ASP A 497 -5.73 14.06 -1.58
C ASP A 497 -4.53 13.68 -0.71
N THR A 498 -4.32 12.37 -0.56
CA THR A 498 -3.32 11.85 0.35
C THR A 498 -2.55 10.73 -0.32
N GLN A 499 -1.34 10.49 0.16
CA GLN A 499 -0.49 9.44 -0.39
C GLN A 499 0.66 9.16 0.57
N MET A 500 0.78 7.89 0.98
CA MET A 500 1.91 7.49 1.80
C MET A 500 3.12 7.19 0.91
N PRO A 501 4.31 7.61 1.33
CA PRO A 501 5.52 7.28 0.55
C PRO A 501 5.76 5.79 0.51
N SER A 502 6.32 5.33 -0.60
CA SER A 502 6.66 3.92 -0.74
C SER A 502 8.07 3.65 -0.24
N ILE A 503 8.31 2.42 0.19
CA ILE A 503 9.62 1.99 0.67
C ILE A 503 9.99 0.72 -0.06
N ASN A 504 11.13 0.74 -0.74
CA ASN A 504 11.72 -0.47 -1.31
C ASN A 504 13.16 -0.58 -0.85
N VAL A 505 13.53 -1.74 -0.33
CA VAL A 505 14.90 -1.95 0.11
C VAL A 505 15.40 -3.26 -0.50
N GLY A 506 16.69 -3.28 -0.81
CA GLY A 506 17.23 -4.48 -1.42
C GLY A 506 18.74 -4.43 -1.49
N ILE A 507 19.30 -5.49 -2.07
CA ILE A 507 20.73 -5.61 -2.29
C ILE A 507 20.97 -5.63 -3.79
N ARG A 508 21.92 -4.83 -4.25
CA ARG A 508 22.30 -4.86 -5.66
C ARG A 508 22.85 -6.23 -6.03
N ALA A 509 22.54 -6.67 -7.25
CA ALA A 509 23.01 -7.96 -7.71
C ALA A 509 24.53 -7.98 -7.78
N VAL A 510 25.11 -9.14 -7.45
CA VAL A 510 26.56 -9.32 -7.47
C VAL A 510 26.92 -10.05 -8.76
N PRO A 511 27.60 -9.40 -9.70
CA PRO A 511 27.89 -10.05 -10.98
C PRO A 511 28.87 -11.21 -10.84
N LYS A 512 28.71 -12.18 -11.73
CA LYS A 512 29.57 -13.36 -11.75
C LYS A 512 30.14 -13.60 -13.15
N LEU A 513 30.26 -12.56 -13.96
CA LEU A 513 30.75 -12.72 -15.32
C LEU A 513 32.28 -12.77 -15.35
N THR A 514 32.79 -13.46 -16.37
CA THR A 514 34.22 -13.64 -16.56
C THR A 514 34.52 -13.55 -18.06
N THR A 515 35.78 -13.82 -18.41
CA THR A 515 36.21 -13.70 -19.80
C THR A 515 35.71 -14.83 -20.68
N ILE A 516 35.47 -16.03 -20.13
CA ILE A 516 34.96 -17.12 -20.95
C ILE A 516 33.58 -16.76 -21.51
N ASP A 517 32.68 -16.33 -20.64
CA ASP A 517 31.33 -15.96 -21.05
C ASP A 517 31.35 -14.52 -21.57
N GLU A 518 31.87 -14.39 -22.78
CA GLU A 518 32.23 -13.09 -23.34
C GLU A 518 31.02 -12.19 -23.51
N THR A 519 30.98 -11.13 -22.72
CA THR A 519 29.85 -10.21 -22.71
C THR A 519 30.26 -8.93 -21.97
N THR A 520 29.68 -7.82 -22.39
CA THR A 520 29.98 -6.54 -21.76
C THR A 520 29.15 -6.27 -20.51
N GLN A 521 28.03 -6.96 -20.34
CA GLN A 521 27.20 -6.84 -19.15
C GLN A 521 26.98 -8.22 -18.54
N ALA A 522 26.92 -8.25 -17.21
CA ALA A 522 26.85 -9.52 -16.50
C ALA A 522 25.61 -10.32 -16.93
N ASN A 523 25.81 -11.60 -17.20
CA ASN A 523 24.73 -12.53 -17.46
C ASN A 523 24.69 -13.67 -16.46
N SER A 524 25.49 -13.60 -15.40
CA SER A 524 25.46 -14.57 -14.31
C SER A 524 25.76 -13.82 -13.02
N TRP A 525 25.07 -14.20 -11.95
CA TRP A 525 25.16 -13.48 -10.69
C TRP A 525 25.24 -14.46 -9.54
N LEU A 526 25.81 -13.99 -8.44
CA LEU A 526 25.91 -14.79 -7.22
C LEU A 526 24.63 -14.64 -6.39
N ASP A 527 24.27 -15.72 -5.71
CA ASP A 527 23.09 -15.68 -4.85
C ASP A 527 23.36 -14.82 -3.62
N ALA A 528 22.71 -13.67 -3.54
CA ALA A 528 22.89 -12.78 -2.40
C ALA A 528 21.53 -12.52 -1.77
N GLN A 529 21.54 -12.36 -0.45
CA GLN A 529 20.34 -12.10 0.32
C GLN A 529 20.61 -10.97 1.32
N GLY A 530 19.66 -10.03 1.41
CA GLY A 530 19.74 -8.99 2.40
C GLY A 530 18.87 -9.32 3.60
N TYR A 531 19.35 -8.95 4.78
CA TYR A 531 18.66 -9.21 6.04
C TYR A 531 18.17 -7.88 6.59
N PHE A 532 16.86 -7.74 6.75
CA PHE A 532 16.27 -6.48 7.17
C PHE A 532 15.42 -6.71 8.41
N GLU A 533 15.65 -5.89 9.42
CA GLU A 533 14.89 -5.92 10.65
C GLU A 533 13.98 -4.69 10.69
N VAL A 534 12.67 -4.92 10.73
CA VAL A 534 11.69 -3.86 10.59
C VAL A 534 10.94 -3.73 11.92
N ASP A 535 10.95 -2.53 12.48
CA ASP A 535 10.17 -2.22 13.68
C ASP A 535 9.11 -1.21 13.28
N CYS A 536 7.85 -1.59 13.44
CA CYS A 536 6.76 -0.74 12.98
C CYS A 536 5.79 -0.48 14.14
N VAL A 537 5.37 0.78 14.24
CA VAL A 537 4.47 1.24 15.30
C VAL A 537 3.30 1.97 14.65
N LEU A 538 2.10 1.66 15.10
CA LEU A 538 0.88 2.31 14.62
C LEU A 538 0.11 2.84 15.81
N THR A 539 -0.18 4.14 15.80
CA THR A 539 -1.02 4.76 16.81
C THR A 539 -2.38 5.03 16.21
N THR A 540 -3.43 4.58 16.91
CA THR A 540 -4.82 4.78 16.52
C THR A 540 -5.58 5.36 17.71
N GLU A 541 -6.71 6.00 17.42
CA GLU A 541 -7.40 6.74 18.46
C GLU A 541 -8.88 6.78 18.13
N SER A 542 -9.72 6.62 19.16
CA SER A 542 -11.16 6.44 18.95
C SER A 542 -11.95 7.18 20.02
N VAL A 543 -13.25 7.36 19.76
CA VAL A 543 -14.14 8.14 20.63
C VAL A 543 -15.41 7.34 20.92
N ASP A 544 -15.98 7.56 22.10
CA ASP A 544 -17.37 7.24 22.41
C ASP A 544 -18.09 8.50 22.84
N PRO A 545 -18.96 9.08 22.00
CA PRO A 545 -19.74 10.25 22.43
C PRO A 545 -21.10 9.89 23.01
N TYR A 546 -21.45 10.46 24.17
CA TYR A 546 -22.77 10.24 24.77
C TYR A 546 -23.66 11.47 24.56
N THR A 547 -24.18 11.60 23.34
CA THR A 547 -25.04 12.73 23.03
C THR A 547 -26.46 12.57 23.57
N TYR A 548 -26.82 11.37 24.02
CA TYR A 548 -28.17 11.12 24.52
C TYR A 548 -28.08 10.32 25.82
N ILE A 549 -29.22 10.24 26.51
CA ILE A 549 -29.24 9.66 27.85
C ILE A 549 -29.37 8.14 27.81
N LYS A 550 -30.20 7.60 26.93
CA LYS A 550 -30.50 6.18 26.93
C LYS A 550 -29.98 5.52 25.66
N GLY A 551 -30.09 4.21 25.61
CA GLY A 551 -29.71 3.43 24.43
C GLY A 551 -28.25 3.06 24.28
N GLY A 552 -27.38 4.05 24.15
CA GLY A 552 -25.98 3.80 23.93
C GLY A 552 -25.31 5.06 23.42
N CYS A 553 -24.16 4.86 22.78
CA CYS A 553 -23.47 5.98 22.17
C CYS A 553 -24.14 6.41 20.87
N TYR A 554 -24.30 7.71 20.71
CA TYR A 554 -24.75 8.31 19.47
C TYR A 554 -23.85 9.50 19.19
N SER A 555 -23.44 9.64 17.93
CA SER A 555 -22.59 10.76 17.57
C SER A 555 -23.44 11.98 17.24
N ALA A 556 -22.78 13.14 17.20
CA ALA A 556 -23.38 14.29 16.55
C ALA A 556 -23.44 14.02 15.05
N ASN A 557 -24.55 14.42 14.43
CA ASN A 557 -24.74 14.09 13.02
C ASN A 557 -23.68 14.76 12.13
N THR A 558 -22.96 15.76 12.64
CA THR A 558 -21.83 16.32 11.91
C THR A 558 -20.70 15.31 11.80
N LYS A 559 -20.74 14.23 12.58
CA LYS A 559 -19.74 13.17 12.50
C LYS A 559 -20.09 12.08 11.50
N SER A 560 -21.20 12.22 10.77
CA SER A 560 -21.57 11.22 9.77
C SER A 560 -20.53 11.17 8.67
N GLN A 561 -20.23 9.97 8.19
CA GLN A 561 -19.21 9.76 7.17
C GLN A 561 -19.81 9.09 5.95
N LEU A 562 -19.39 9.57 4.77
CA LEU A 562 -19.80 9.00 3.51
C LEU A 562 -18.59 8.49 2.75
N GLN A 563 -18.80 7.43 1.98
CA GLN A 563 -17.77 6.85 1.14
C GLN A 563 -18.24 6.83 -0.30
N TYR A 564 -17.31 7.13 -1.21
CA TYR A 564 -17.60 7.01 -2.64
C TYR A 564 -17.96 5.57 -2.99
N PHE A 565 -18.91 5.42 -3.90
CA PHE A 565 -19.34 4.12 -4.37
C PHE A 565 -19.43 4.15 -5.89
N ALA A 566 -19.34 2.97 -6.50
CA ALA A 566 -19.52 2.86 -7.93
C ALA A 566 -21.00 2.68 -8.26
N SER A 567 -21.29 2.55 -9.55
CA SER A 567 -22.67 2.37 -9.99
C SER A 567 -23.26 1.05 -9.54
N ASP A 568 -22.42 0.03 -9.33
CA ASP A 568 -22.89 -1.31 -8.98
C ASP A 568 -22.87 -1.57 -7.49
N GLY A 569 -22.97 -0.54 -6.65
CA GLY A 569 -22.95 -0.74 -5.21
C GLY A 569 -21.63 -1.22 -4.67
N ARG A 570 -20.55 -0.98 -5.37
CA ARG A 570 -19.23 -1.46 -4.98
C ARG A 570 -18.38 -0.30 -4.47
N PRO A 571 -17.88 -0.36 -3.25
CA PRO A 571 -17.16 0.79 -2.68
C PRO A 571 -15.92 1.12 -3.48
N ILE A 572 -15.51 2.39 -3.39
CA ILE A 572 -14.35 2.90 -4.09
C ILE A 572 -13.29 3.25 -3.05
N ALA A 573 -12.04 2.84 -3.31
CA ALA A 573 -10.98 3.06 -2.35
C ALA A 573 -9.68 3.40 -3.07
N LYS A 574 -8.78 4.04 -2.34
CA LYS A 574 -7.44 4.31 -2.83
C LYS A 574 -6.67 3.00 -2.97
N VAL A 575 -5.79 2.94 -3.97
CA VAL A 575 -4.94 1.78 -4.21
C VAL A 575 -3.53 2.26 -4.48
N TYR A 576 -2.54 1.54 -3.94
CA TYR A 576 -1.14 1.83 -4.19
C TYR A 576 -0.50 0.84 -5.14
N ASP A 577 -1.26 -0.15 -5.62
CA ASP A 577 -0.69 -1.21 -6.45
C ASP A 577 -0.45 -0.75 -7.89
N ASN A 578 -1.33 0.08 -8.43
CA ASN A 578 -1.19 0.55 -9.80
C ASN A 578 -0.13 1.64 -9.89
N PRO A 579 0.42 1.88 -11.08
CA PRO A 579 1.34 3.01 -11.25
C PRO A 579 0.61 4.33 -11.09
N ASN A 580 1.35 5.36 -10.68
CA ASN A 580 0.74 6.65 -10.41
C ASN A 580 0.17 7.26 -11.67
N VAL A 581 -0.82 8.14 -11.48
CA VAL A 581 -1.42 8.91 -12.56
C VAL A 581 -1.14 10.38 -12.28
N TYR A 582 -0.23 10.95 -13.06
CA TYR A 582 0.23 12.33 -12.87
C TYR A 582 0.74 12.53 -11.45
N GLY A 583 1.45 11.53 -10.92
CA GLY A 583 1.99 11.58 -9.59
C GLY A 583 1.02 11.27 -8.48
N ARG A 584 -0.18 10.79 -8.81
CA ARG A 584 -1.24 10.58 -7.83
C ARG A 584 -1.62 9.11 -7.74
N MET A 585 -2.02 8.68 -6.55
CA MET A 585 -2.67 7.39 -6.41
C MET A 585 -4.15 7.53 -6.74
N GLN A 586 -4.67 6.56 -7.48
CA GLN A 586 -6.01 6.64 -8.03
C GLN A 586 -7.04 5.93 -7.15
N MET A 587 -8.29 6.33 -7.32
CA MET A 587 -9.40 5.52 -6.81
C MET A 587 -9.59 4.30 -7.72
N ILE A 588 -9.99 3.19 -7.11
CA ILE A 588 -10.47 2.04 -7.87
C ILE A 588 -11.67 1.43 -7.15
N LYS A 589 -12.52 0.81 -7.95
CA LYS A 589 -13.58 -0.05 -7.44
C LYS A 589 -12.97 -1.22 -6.67
N THR A 590 -13.43 -1.44 -5.45
CA THR A 590 -12.92 -2.56 -4.68
C THR A 590 -13.41 -3.89 -5.25
N VAL A 591 -12.82 -4.98 -4.77
CA VAL A 591 -13.13 -6.33 -5.25
C VAL A 591 -13.70 -7.12 -4.09
N LYS A 592 -14.82 -7.79 -4.34
CA LYS A 592 -15.44 -8.62 -3.31
C LYS A 592 -14.53 -9.80 -2.98
N PRO A 593 -14.13 -9.97 -1.71
CA PRO A 593 -13.26 -11.08 -1.28
C PRO A 593 -13.94 -12.43 -1.38
#